data_5KBR
#
_entry.id   5KBR
#
_cell.length_a   61.818
_cell.length_b   81.827
_cell.length_c   65.914
_cell.angle_alpha   90.00
_cell.angle_beta   107.05
_cell.angle_gamma   90.00
#
_symmetry.space_group_name_H-M   'P 1 21 1'
#
loop_
_entity.id
_entity.type
_entity.pdbx_description
1 polymer 'Serine/threonine-protein kinase PAK 1'
2 non-polymer (4-chlorophenyl)-[5-(1-piperidin-4-ylpyrazol-4-yl)-1~{H}-pyrrolo[2,3-b]pyridin-3-yl]methanone
3 water water
#
_entity_poly.entity_id   1
_entity_poly.type   'polypeptide(L)'
_entity_poly.pdbx_seq_one_letter_code
;LEKLRSIVSVGDPKKKYTRFEKIGQGASGTVYTAMDVATGQEVAIKQMNLQQQPKKELIINEILVMRENKNPNIVNYLDS
YLVGDELWVVMEYLAGGSLTDVVTETCMDEGQIAAVCRECLQALEFLHSNQVIHRNIKSDNILLGMDGSVKLTDFGFCAQ
ITPEQSKRSEMVGTPYWMAPEVVTRKAYGPKVDIWSLGIMAIEMIEGEPPYLNENPLRALYLIATNGTPELQNPEKLSAI
FRDFLNRCLDMDVEKRGSAKELLQHQFLKIAKPLSSLTPLIAAAKEATK
;
_entity_poly.pdbx_strand_id   A,B
#
# COMPACT_ATOMS: atom_id res chain seq x y z
N GLU A 2 20.37 17.36 -43.02
CA GLU A 2 21.13 17.04 -44.23
C GLU A 2 20.75 15.66 -44.73
N LYS A 3 20.94 14.62 -43.87
CA LYS A 3 20.57 13.25 -44.20
C LYS A 3 19.05 13.17 -44.12
N LEU A 4 18.48 13.84 -43.10
CA LEU A 4 17.06 13.92 -42.83
C LEU A 4 16.26 14.57 -43.97
N ARG A 5 16.70 15.74 -44.47
CA ARG A 5 16.02 16.43 -45.59
C ARG A 5 15.97 15.58 -46.86
N SER A 6 17.01 14.77 -47.11
CA SER A 6 17.14 13.91 -48.27
C SER A 6 16.37 12.57 -48.18
N ILE A 7 15.67 12.33 -47.09
CA ILE A 7 14.86 11.13 -46.91
C ILE A 7 13.41 11.57 -47.07
N VAL A 8 13.03 12.63 -46.32
CA VAL A 8 11.69 13.21 -46.23
C VAL A 8 11.20 13.81 -47.55
N SER A 9 9.90 13.65 -47.85
CA SER A 9 9.25 14.19 -49.04
C SER A 9 9.14 15.73 -48.92
N VAL A 10 9.01 16.42 -50.07
CA VAL A 10 8.93 17.88 -50.11
C VAL A 10 7.51 18.39 -50.13
N GLY A 11 7.34 19.63 -49.66
CA GLY A 11 6.06 20.31 -49.61
C GLY A 11 5.53 20.62 -48.22
N ASP A 12 4.70 21.68 -48.14
CA ASP A 12 4.04 22.20 -46.95
C ASP A 12 3.18 21.08 -46.32
N PRO A 13 3.47 20.64 -45.06
CA PRO A 13 2.70 19.53 -44.45
C PRO A 13 1.24 19.88 -44.12
N LYS A 14 0.75 21.01 -44.66
CA LYS A 14 -0.60 21.51 -44.54
C LYS A 14 -1.28 21.57 -45.94
N LYS A 15 -0.55 21.15 -47.00
CA LYS A 15 -1.05 21.13 -48.39
C LYS A 15 -1.78 19.82 -48.73
N LYS A 16 -1.39 18.70 -48.10
CA LYS A 16 -2.00 17.38 -48.33
C LYS A 16 -3.06 17.00 -47.26
N TYR A 17 -2.88 17.50 -46.03
CA TYR A 17 -3.73 17.16 -44.88
C TYR A 17 -4.41 18.37 -44.20
N THR A 18 -5.65 18.14 -43.70
CA THR A 18 -6.51 19.06 -42.95
C THR A 18 -7.13 18.32 -41.75
N ARG A 19 -8.11 18.94 -41.04
CA ARG A 19 -8.85 18.45 -39.86
C ARG A 19 -7.90 17.95 -38.71
N PHE A 20 -6.85 18.75 -38.42
CA PHE A 20 -5.85 18.48 -37.38
C PHE A 20 -6.44 18.53 -35.96
N GLU A 21 -6.71 17.33 -35.40
CA GLU A 21 -7.29 17.19 -34.08
C GLU A 21 -6.30 16.46 -33.15
N LYS A 22 -5.66 17.23 -32.25
CA LYS A 22 -4.65 16.74 -31.30
C LYS A 22 -5.20 15.61 -30.39
N ILE A 23 -4.92 14.35 -30.78
CA ILE A 23 -5.39 13.18 -30.05
C ILE A 23 -4.52 12.89 -28.81
N GLY A 24 -3.20 12.85 -29.00
CA GLY A 24 -2.26 12.59 -27.91
C GLY A 24 -1.08 13.53 -27.83
N GLN A 25 -0.32 13.41 -26.73
CA GLN A 25 0.88 14.20 -26.42
C GLN A 25 1.93 13.27 -25.77
N GLY A 26 3.15 13.32 -26.29
CA GLY A 26 4.27 12.51 -25.80
C GLY A 26 5.57 13.27 -25.69
N ALA A 27 6.60 12.59 -25.13
CA ALA A 27 7.94 13.15 -24.98
C ALA A 27 8.61 13.24 -26.36
N SER A 28 8.32 12.25 -27.24
CA SER A 28 8.79 12.12 -28.61
C SER A 28 8.27 13.25 -29.54
N GLY A 29 7.02 13.66 -29.32
CA GLY A 29 6.34 14.71 -30.07
C GLY A 29 4.86 14.80 -29.72
N THR A 30 4.05 15.33 -30.66
CA THR A 30 2.60 15.48 -30.48
C THR A 30 1.84 14.79 -31.63
N VAL A 31 0.97 13.82 -31.28
CA VAL A 31 0.16 13.05 -32.22
C VAL A 31 -1.16 13.76 -32.56
N TYR A 32 -1.41 13.92 -33.86
CA TYR A 32 -2.57 14.55 -34.48
C TYR A 32 -3.25 13.52 -35.39
N THR A 33 -4.49 13.80 -35.79
CA THR A 33 -5.25 12.99 -36.77
C THR A 33 -5.58 13.90 -37.93
N ALA A 34 -5.67 13.36 -39.15
CA ALA A 34 -5.96 14.13 -40.34
C ALA A 34 -6.84 13.38 -41.33
N GLU A 42 -8.21 8.85 -43.47
CA GLU A 42 -7.69 9.21 -42.16
C GLU A 42 -6.30 8.67 -41.88
N VAL A 43 -5.45 9.55 -41.40
CA VAL A 43 -4.07 9.27 -41.07
C VAL A 43 -3.80 9.80 -39.67
N ALA A 44 -2.63 9.45 -39.13
CA ALA A 44 -2.15 9.96 -37.86
C ALA A 44 -0.84 10.69 -38.19
N ILE A 45 -0.63 11.88 -37.60
CA ILE A 45 0.58 12.68 -37.83
C ILE A 45 1.29 13.13 -36.53
N LYS A 46 2.61 12.96 -36.47
CA LYS A 46 3.42 13.39 -35.31
C LYS A 46 4.18 14.68 -35.70
N GLN A 47 4.56 15.52 -34.71
CA GLN A 47 5.25 16.80 -34.92
C GLN A 47 6.35 17.05 -33.88
N GLU A 57 19.80 12.39 -35.96
CA GLU A 57 20.64 11.23 -35.71
C GLU A 57 19.79 10.02 -35.37
N LEU A 58 19.02 10.13 -34.27
CA LEU A 58 18.09 9.08 -33.82
C LEU A 58 16.75 9.21 -34.54
N ILE A 59 16.41 10.40 -35.05
CA ILE A 59 15.16 10.61 -35.80
C ILE A 59 15.26 9.97 -37.21
N ILE A 60 16.51 9.93 -37.77
CA ILE A 60 16.79 9.29 -39.07
C ILE A 60 16.59 7.76 -38.96
N ASN A 61 17.25 7.12 -37.97
CA ASN A 61 17.10 5.69 -37.66
C ASN A 61 15.60 5.25 -37.55
N GLU A 62 14.74 6.04 -36.87
CA GLU A 62 13.32 5.76 -36.71
C GLU A 62 12.58 5.61 -38.05
N ILE A 63 12.77 6.58 -38.98
CA ILE A 63 12.11 6.63 -40.30
C ILE A 63 12.56 5.46 -41.20
N LEU A 64 13.87 5.24 -41.32
CA LEU A 64 14.40 4.18 -42.18
C LEU A 64 13.97 2.78 -41.78
N VAL A 65 13.93 2.51 -40.45
CA VAL A 65 13.49 1.22 -39.88
C VAL A 65 12.05 0.95 -40.25
N MET A 66 11.16 1.93 -40.06
CA MET A 66 9.74 1.84 -40.43
C MET A 66 9.53 1.56 -41.94
N ARG A 67 10.36 2.16 -42.82
CA ARG A 67 10.24 2.01 -44.27
C ARG A 67 10.59 0.63 -44.81
N GLU A 68 11.65 0.03 -44.26
CA GLU A 68 12.21 -1.23 -44.73
C GLU A 68 11.60 -2.48 -44.09
N ASN A 69 10.94 -2.33 -42.93
CA ASN A 69 10.38 -3.42 -42.16
C ASN A 69 8.86 -3.32 -42.09
N LYS A 70 8.24 -3.66 -43.21
CA LYS A 70 6.81 -3.61 -43.47
C LYS A 70 6.09 -4.97 -43.26
N ASN A 71 5.39 -5.11 -42.12
CA ASN A 71 4.64 -6.31 -41.72
C ASN A 71 3.24 -5.84 -41.36
N PRO A 72 2.18 -6.67 -41.55
CA PRO A 72 0.84 -6.22 -41.11
C PRO A 72 0.75 -6.05 -39.59
N ASN A 73 1.71 -6.61 -38.81
CA ASN A 73 1.76 -6.49 -37.35
C ASN A 73 2.59 -5.28 -36.87
N ILE A 74 2.88 -4.35 -37.79
CA ILE A 74 3.59 -3.10 -37.56
C ILE A 74 2.76 -1.97 -38.20
N VAL A 75 2.43 -0.93 -37.42
CA VAL A 75 1.70 0.25 -37.84
C VAL A 75 2.39 0.79 -39.11
N ASN A 76 1.64 0.80 -40.23
CA ASN A 76 2.14 1.19 -41.54
C ASN A 76 2.59 2.65 -41.63
N TYR A 77 3.89 2.86 -41.99
CA TYR A 77 4.49 4.18 -42.20
C TYR A 77 4.07 4.61 -43.59
N LEU A 78 3.62 5.86 -43.76
CA LEU A 78 3.18 6.36 -45.08
C LEU A 78 4.10 7.39 -45.73
N ASP A 79 4.50 8.46 -44.97
CA ASP A 79 5.29 9.58 -45.49
C ASP A 79 5.85 10.51 -44.40
N SER A 80 6.89 11.30 -44.74
CA SER A 80 7.53 12.31 -43.86
C SER A 80 7.81 13.66 -44.59
N TYR A 81 7.81 14.79 -43.83
CA TYR A 81 8.04 16.15 -44.34
C TYR A 81 8.90 16.93 -43.35
N TRP A 88 7.64 16.12 -39.69
CA TRP A 88 6.39 15.43 -39.39
C TRP A 88 6.37 14.02 -39.99
N VAL A 89 5.76 13.05 -39.29
CA VAL A 89 5.64 11.66 -39.75
C VAL A 89 4.15 11.31 -39.94
N VAL A 90 3.80 10.69 -41.09
CA VAL A 90 2.43 10.28 -41.47
C VAL A 90 2.30 8.75 -41.47
N MET A 91 1.38 8.22 -40.65
CA MET A 91 1.11 6.80 -40.51
C MET A 91 -0.35 6.46 -40.74
N GLU A 92 -0.65 5.14 -40.76
CA GLU A 92 -2.03 4.65 -40.82
C GLU A 92 -2.71 4.89 -39.45
N TYR A 93 -3.98 5.27 -39.48
CA TYR A 93 -4.75 5.55 -38.29
C TYR A 93 -5.46 4.29 -37.87
N LEU A 94 -5.14 3.84 -36.65
CA LEU A 94 -5.75 2.68 -36.02
C LEU A 94 -6.73 3.25 -35.02
N ALA A 95 -8.02 3.22 -35.38
CA ALA A 95 -9.11 3.80 -34.61
C ALA A 95 -9.37 3.14 -33.26
N GLY A 96 -8.98 1.88 -33.11
CA GLY A 96 -9.16 1.09 -31.89
C GLY A 96 -8.47 1.59 -30.63
N GLY A 97 -7.49 2.48 -30.78
CA GLY A 97 -6.74 3.04 -29.65
C GLY A 97 -5.50 2.25 -29.29
N SER A 98 -4.98 2.46 -28.08
CA SER A 98 -3.78 1.76 -27.60
C SER A 98 -4.15 0.63 -26.70
N LEU A 99 -3.28 -0.40 -26.58
CA LEU A 99 -3.54 -1.50 -25.61
C LEU A 99 -3.59 -0.96 -24.15
N THR A 100 -2.99 0.22 -23.89
CA THR A 100 -2.93 0.84 -22.57
C THR A 100 -4.31 1.06 -22.00
N ASP A 101 -5.24 1.62 -22.76
CA ASP A 101 -6.60 1.83 -22.28
C ASP A 101 -7.33 0.51 -21.99
N VAL A 102 -7.06 -0.54 -22.77
CA VAL A 102 -7.67 -1.85 -22.55
C VAL A 102 -7.12 -2.42 -21.20
N VAL A 103 -5.77 -2.48 -21.04
CA VAL A 103 -5.15 -3.02 -19.81
C VAL A 103 -5.54 -2.21 -18.56
N THR A 104 -5.76 -0.87 -18.68
CA THR A 104 -6.11 -0.05 -17.50
C THR A 104 -7.62 0.03 -17.16
N GLU A 105 -8.51 -0.20 -18.14
CA GLU A 105 -9.95 0.00 -17.92
C GLU A 105 -10.82 -1.24 -17.99
N THR A 106 -10.23 -2.37 -18.42
CA THR A 106 -10.96 -3.62 -18.64
C THR A 106 -10.20 -4.82 -18.14
N CYS A 107 -10.93 -5.93 -18.01
CA CYS A 107 -10.38 -7.20 -17.61
C CYS A 107 -10.37 -8.13 -18.84
N MET A 108 -9.20 -8.59 -19.22
CA MET A 108 -8.93 -9.47 -20.35
C MET A 108 -8.88 -10.91 -19.86
N ASP A 109 -9.50 -11.81 -20.63
CA ASP A 109 -9.43 -13.23 -20.29
C ASP A 109 -8.18 -13.81 -20.91
N GLU A 110 -7.81 -15.02 -20.51
CA GLU A 110 -6.59 -15.67 -20.99
C GLU A 110 -6.55 -15.84 -22.51
N GLY A 111 -7.69 -16.13 -23.12
CA GLY A 111 -7.83 -16.24 -24.57
C GLY A 111 -7.53 -14.93 -25.26
N GLN A 112 -7.97 -13.80 -24.66
CA GLN A 112 -7.74 -12.43 -25.16
C GLN A 112 -6.32 -12.01 -25.05
N ILE A 113 -5.66 -12.40 -23.94
CA ILE A 113 -4.25 -12.12 -23.67
C ILE A 113 -3.41 -12.93 -24.66
N ALA A 114 -3.73 -14.22 -24.88
CA ALA A 114 -3.02 -15.11 -25.82
C ALA A 114 -3.07 -14.60 -27.26
N ALA A 115 -4.22 -13.99 -27.66
CA ALA A 115 -4.44 -13.44 -29.00
C ALA A 115 -3.53 -12.22 -29.21
N VAL A 116 -3.48 -11.30 -28.24
CA VAL A 116 -2.60 -10.13 -28.27
C VAL A 116 -1.11 -10.57 -28.29
N CYS A 117 -0.70 -11.54 -27.41
CA CYS A 117 0.69 -12.05 -27.34
C CYS A 117 1.17 -12.68 -28.66
N ARG A 118 0.29 -13.46 -29.32
CA ARG A 118 0.58 -14.10 -30.62
C ARG A 118 0.89 -13.06 -31.68
N GLU A 119 0.05 -12.00 -31.81
CA GLU A 119 0.26 -10.92 -32.80
C GLU A 119 1.55 -10.15 -32.52
N CYS A 120 1.87 -9.96 -31.23
CA CYS A 120 3.06 -9.26 -30.77
C CYS A 120 4.34 -10.01 -31.08
N LEU A 121 4.32 -11.32 -30.91
CA LEU A 121 5.43 -12.23 -31.22
C LEU A 121 5.61 -12.32 -32.73
N GLN A 122 4.54 -12.10 -33.51
CA GLN A 122 4.53 -12.11 -34.98
C GLN A 122 5.23 -10.87 -35.50
N ALA A 123 5.13 -9.76 -34.74
CA ALA A 123 5.77 -8.47 -35.02
C ALA A 123 7.23 -8.58 -34.67
N LEU A 124 7.55 -9.17 -33.50
CA LEU A 124 8.91 -9.36 -33.01
C LEU A 124 9.69 -10.35 -33.87
N GLU A 125 9.04 -11.49 -34.27
CA GLU A 125 9.64 -12.52 -35.14
C GLU A 125 10.15 -11.84 -36.41
N PHE A 126 9.26 -11.06 -37.08
CA PHE A 126 9.56 -10.30 -38.29
C PHE A 126 10.69 -9.29 -38.10
N LEU A 127 10.75 -8.61 -36.94
CA LEU A 127 11.80 -7.63 -36.66
C LEU A 127 13.16 -8.29 -36.45
N HIS A 128 13.24 -9.23 -35.50
CA HIS A 128 14.45 -10.00 -35.12
C HIS A 128 15.08 -10.73 -36.31
N SER A 129 14.24 -11.37 -37.17
CA SER A 129 14.70 -12.09 -38.36
C SER A 129 15.39 -11.12 -39.34
N ASN A 130 14.90 -9.86 -39.36
CA ASN A 130 15.43 -8.75 -40.17
C ASN A 130 16.46 -7.91 -39.37
N GLN A 131 17.01 -8.49 -38.27
CA GLN A 131 18.06 -7.94 -37.38
C GLN A 131 17.76 -6.54 -36.81
N VAL A 132 16.54 -6.35 -36.27
CA VAL A 132 16.09 -5.10 -35.65
C VAL A 132 15.55 -5.41 -34.25
N ILE A 133 16.09 -4.74 -33.19
CA ILE A 133 15.60 -4.89 -31.81
C ILE A 133 14.73 -3.65 -31.50
N HIS A 134 13.48 -3.84 -31.04
CA HIS A 134 12.56 -2.72 -30.77
C HIS A 134 13.02 -1.85 -29.58
N ARG A 135 13.22 -2.49 -28.39
CA ARG A 135 13.74 -1.92 -27.12
C ARG A 135 12.72 -1.11 -26.29
N ASN A 136 11.52 -0.92 -26.80
CA ASN A 136 10.54 -0.13 -26.10
C ASN A 136 9.18 -0.80 -26.18
N ILE A 137 9.16 -2.13 -26.00
CA ILE A 137 7.94 -2.90 -26.02
C ILE A 137 7.20 -2.63 -24.71
N LYS A 138 5.95 -2.18 -24.83
CA LYS A 138 5.01 -1.88 -23.76
C LYS A 138 3.65 -1.65 -24.45
N SER A 139 2.54 -1.74 -23.69
CA SER A 139 1.15 -1.60 -24.19
C SER A 139 0.89 -0.28 -24.86
N ASP A 140 1.61 0.79 -24.47
CA ASP A 140 1.45 2.12 -25.03
C ASP A 140 1.85 2.15 -26.51
N ASN A 141 2.73 1.20 -26.93
CA ASN A 141 3.21 1.07 -28.31
C ASN A 141 2.49 -0.02 -29.10
N ILE A 142 1.34 -0.46 -28.58
CA ILE A 142 0.48 -1.43 -29.23
C ILE A 142 -0.79 -0.69 -29.59
N LEU A 143 -1.09 -0.64 -30.86
CA LEU A 143 -2.26 0.02 -31.38
C LEU A 143 -3.20 -1.03 -31.91
N LEU A 144 -4.50 -0.82 -31.69
CA LEU A 144 -5.56 -1.75 -32.09
C LEU A 144 -6.46 -1.21 -33.18
N GLY A 145 -6.85 -2.09 -34.09
CA GLY A 145 -7.77 -1.77 -35.18
C GLY A 145 -9.20 -1.97 -34.73
N MET A 146 -10.17 -1.30 -35.40
CA MET A 146 -11.59 -1.44 -35.04
C MET A 146 -12.12 -2.86 -35.31
N ASP A 147 -11.29 -3.66 -36.00
CA ASP A 147 -11.46 -5.05 -36.36
C ASP A 147 -10.69 -6.01 -35.43
N GLY A 148 -10.01 -5.47 -34.41
CA GLY A 148 -9.25 -6.27 -33.44
C GLY A 148 -7.77 -6.51 -33.76
N SER A 149 -7.27 -5.93 -34.88
CA SER A 149 -5.87 -5.99 -35.32
C SER A 149 -4.98 -5.42 -34.24
N VAL A 150 -3.82 -6.07 -34.04
CA VAL A 150 -2.82 -5.71 -33.04
C VAL A 150 -1.56 -5.30 -33.82
N LYS A 151 -1.10 -4.05 -33.61
CA LYS A 151 0.05 -3.56 -34.38
C LYS A 151 1.05 -2.84 -33.49
N LEU A 152 2.32 -3.02 -33.81
CA LEU A 152 3.48 -2.45 -33.14
C LEU A 152 3.82 -1.11 -33.71
N THR A 153 4.21 -0.17 -32.82
CA THR A 153 4.70 1.17 -33.22
C THR A 153 5.88 1.65 -32.32
N ASP A 154 6.26 2.93 -32.48
CA ASP A 154 7.36 3.68 -31.85
C ASP A 154 8.73 2.99 -32.02
N PHE A 155 9.45 3.36 -33.10
CA PHE A 155 10.78 2.81 -33.39
C PHE A 155 11.91 3.80 -33.06
N GLY A 156 11.58 4.79 -32.22
CA GLY A 156 12.49 5.85 -31.79
C GLY A 156 13.72 5.37 -31.05
N PHE A 157 13.60 4.17 -30.45
CA PHE A 157 14.58 3.49 -29.60
C PHE A 157 15.18 2.23 -30.22
N CYS A 158 14.79 1.82 -31.42
CA CYS A 158 15.28 0.57 -32.03
C CYS A 158 16.79 0.58 -32.39
N ALA A 159 17.40 -0.64 -32.47
CA ALA A 159 18.82 -0.83 -32.79
C ALA A 159 19.04 -1.80 -33.95
N LYS A 167 25.22 -8.24 -27.95
CA LYS A 167 25.15 -7.58 -29.25
C LYS A 167 24.95 -6.03 -29.16
N ARG A 168 24.12 -5.54 -28.19
CA ARG A 168 23.93 -4.10 -27.91
C ARG A 168 24.21 -3.78 -26.42
N SER A 169 24.59 -2.52 -26.10
CA SER A 169 25.00 -2.19 -24.72
C SER A 169 24.47 -0.86 -24.11
N GLU A 170 23.57 -0.13 -24.79
CA GLU A 170 23.06 1.13 -24.23
C GLU A 170 21.77 0.95 -23.40
N MET A 171 21.72 1.65 -22.28
CA MET A 171 20.62 1.58 -21.34
C MET A 171 19.46 2.43 -21.86
N VAL A 172 18.65 1.82 -22.76
CA VAL A 172 17.52 2.53 -23.34
C VAL A 172 16.24 1.65 -23.19
N GLY A 173 15.09 2.32 -23.11
CA GLY A 173 13.75 1.76 -22.95
C GLY A 173 12.95 2.57 -21.95
N THR A 174 11.86 1.98 -21.39
CA THR A 174 11.03 2.56 -20.34
C THR A 174 11.27 1.73 -19.09
N PRO A 175 11.73 2.37 -17.96
CA PRO A 175 12.19 1.61 -16.78
C PRO A 175 11.47 0.33 -16.45
N TYR A 176 10.14 0.40 -16.27
CA TYR A 176 9.26 -0.70 -15.85
C TYR A 176 9.21 -1.90 -16.81
N TRP A 177 9.61 -1.71 -18.09
CA TRP A 177 9.61 -2.78 -19.09
C TRP A 177 10.99 -3.32 -19.45
N MET A 178 12.08 -2.73 -18.93
CA MET A 178 13.47 -3.11 -19.25
C MET A 178 13.94 -4.45 -18.69
N ALA A 179 14.62 -5.24 -19.56
CA ALA A 179 15.19 -6.56 -19.21
C ALA A 179 16.30 -6.32 -18.22
N PRO A 180 16.58 -7.25 -17.27
CA PRO A 180 17.62 -6.99 -16.26
C PRO A 180 19.03 -6.72 -16.81
N GLU A 181 19.41 -7.41 -17.91
CA GLU A 181 20.71 -7.21 -18.55
C GLU A 181 20.90 -5.77 -19.08
N VAL A 182 19.80 -5.10 -19.47
CA VAL A 182 19.79 -3.71 -19.98
C VAL A 182 20.01 -2.78 -18.78
N VAL A 183 19.31 -3.08 -17.67
CA VAL A 183 19.35 -2.33 -16.42
C VAL A 183 20.77 -2.37 -15.86
N THR A 184 21.38 -3.58 -15.82
CA THR A 184 22.70 -3.87 -15.26
C THR A 184 23.87 -3.53 -16.20
N ARG A 185 23.55 -3.05 -17.41
CA ARG A 185 24.49 -2.62 -18.46
C ARG A 185 25.38 -3.79 -18.99
N LYS A 186 24.74 -4.87 -19.49
CA LYS A 186 25.39 -6.05 -20.08
C LYS A 186 25.11 -6.10 -21.60
N ALA A 187 25.95 -6.84 -22.37
CA ALA A 187 25.77 -7.00 -23.82
C ALA A 187 24.50 -7.81 -24.12
N TYR A 188 23.40 -7.09 -24.33
CA TYR A 188 22.07 -7.65 -24.56
C TYR A 188 21.73 -7.86 -26.06
N GLY A 189 20.64 -8.58 -26.34
CA GLY A 189 20.24 -8.90 -27.71
C GLY A 189 18.77 -8.75 -28.00
N PRO A 190 18.23 -9.48 -29.01
CA PRO A 190 16.81 -9.31 -29.36
C PRO A 190 15.84 -9.83 -28.29
N LYS A 191 16.30 -10.76 -27.45
CA LYS A 191 15.51 -11.38 -26.38
C LYS A 191 15.08 -10.39 -25.28
N VAL A 192 15.57 -9.15 -25.36
CA VAL A 192 15.20 -8.08 -24.42
C VAL A 192 13.76 -7.65 -24.64
N ASP A 193 13.29 -7.79 -25.90
CA ASP A 193 11.94 -7.48 -26.35
C ASP A 193 10.96 -8.53 -25.85
N ILE A 194 11.44 -9.78 -25.65
CA ILE A 194 10.68 -10.91 -25.10
C ILE A 194 10.37 -10.65 -23.61
N TRP A 195 11.36 -10.05 -22.89
CA TRP A 195 11.21 -9.68 -21.47
C TRP A 195 10.08 -8.67 -21.32
N SER A 196 10.18 -7.53 -22.03
CA SER A 196 9.18 -6.45 -22.06
C SER A 196 7.82 -6.92 -22.49
N LEU A 197 7.76 -8.00 -23.33
CA LEU A 197 6.49 -8.58 -23.73
C LEU A 197 5.88 -9.32 -22.51
N GLY A 198 6.75 -9.94 -21.71
CA GLY A 198 6.40 -10.65 -20.47
C GLY A 198 5.88 -9.67 -19.45
N ILE A 199 6.48 -8.47 -19.37
CA ILE A 199 6.02 -7.37 -18.53
C ILE A 199 4.68 -6.88 -19.09
N MET A 200 4.53 -6.89 -20.42
CA MET A 200 3.29 -6.44 -21.04
C MET A 200 2.14 -7.44 -20.76
N ALA A 201 2.47 -8.74 -20.53
CA ALA A 201 1.50 -9.75 -20.17
C ALA A 201 1.02 -9.52 -18.74
N ILE A 202 1.89 -9.02 -17.84
CA ILE A 202 1.61 -8.67 -16.44
C ILE A 202 0.60 -7.51 -16.38
N GLU A 203 0.76 -6.54 -17.26
CA GLU A 203 -0.13 -5.40 -17.40
C GLU A 203 -1.51 -5.89 -17.80
N MET A 204 -1.57 -6.84 -18.79
CA MET A 204 -2.80 -7.42 -19.30
C MET A 204 -3.64 -8.07 -18.18
N ILE A 205 -2.94 -8.69 -17.22
CA ILE A 205 -3.44 -9.36 -16.02
C ILE A 205 -3.82 -8.38 -14.89
N GLU A 206 -2.86 -7.50 -14.50
CA GLU A 206 -2.93 -6.63 -13.32
C GLU A 206 -3.28 -5.14 -13.53
N GLY A 207 -3.12 -4.63 -14.75
CA GLY A 207 -3.43 -3.25 -15.14
C GLY A 207 -2.24 -2.33 -15.23
N GLU A 208 -1.11 -2.79 -14.70
CA GLU A 208 0.13 -2.03 -14.56
C GLU A 208 1.34 -2.97 -14.61
N PRO A 209 2.52 -2.46 -15.08
CA PRO A 209 3.73 -3.29 -15.02
C PRO A 209 4.17 -3.39 -13.54
N PRO A 210 5.06 -4.33 -13.16
CA PRO A 210 5.50 -4.38 -11.75
C PRO A 210 6.25 -3.11 -11.35
N TYR A 211 6.05 -2.72 -10.08
CA TYR A 211 6.66 -1.56 -9.41
C TYR A 211 6.19 -0.17 -9.94
N LEU A 212 5.07 -0.08 -10.71
CA LEU A 212 4.60 1.21 -11.26
C LEU A 212 4.34 2.28 -10.17
N ASN A 213 3.96 1.86 -8.98
CA ASN A 213 3.75 2.76 -7.85
C ASN A 213 5.08 3.45 -7.42
N GLU A 214 6.22 2.74 -7.54
CA GLU A 214 7.54 3.25 -7.21
C GLU A 214 8.03 4.27 -8.26
N ASN A 215 9.26 4.77 -8.07
CA ASN A 215 9.88 5.74 -8.95
C ASN A 215 10.56 5.02 -10.10
N PRO A 216 10.70 5.65 -11.30
CA PRO A 216 11.45 4.99 -12.38
C PRO A 216 12.87 4.56 -11.94
N LEU A 217 13.47 5.30 -10.99
CA LEU A 217 14.80 4.99 -10.47
C LEU A 217 14.83 3.86 -9.49
N ARG A 218 13.79 3.77 -8.62
CA ARG A 218 13.56 2.70 -7.64
C ARG A 218 13.22 1.39 -8.42
N ALA A 219 12.41 1.49 -9.49
CA ALA A 219 12.04 0.37 -10.36
C ALA A 219 13.27 -0.29 -10.96
N LEU A 220 14.26 0.53 -11.45
CA LEU A 220 15.54 0.08 -12.00
C LEU A 220 16.33 -0.79 -11.01
N TYR A 221 16.49 -0.33 -9.75
CA TYR A 221 17.20 -1.06 -8.69
C TYR A 221 16.48 -2.42 -8.45
N LEU A 222 15.14 -2.37 -8.37
CA LEU A 222 14.26 -3.52 -8.19
C LEU A 222 14.36 -4.58 -9.30
N ILE A 223 14.49 -4.16 -10.58
CA ILE A 223 14.63 -5.12 -11.69
C ILE A 223 16.01 -5.80 -11.58
N ALA A 224 17.05 -5.02 -11.28
CA ALA A 224 18.41 -5.53 -11.11
C ALA A 224 18.56 -6.46 -9.89
N THR A 225 17.92 -6.13 -8.75
CA THR A 225 18.03 -6.91 -7.51
C THR A 225 17.07 -8.10 -7.45
N ASN A 226 15.82 -7.96 -7.96
CA ASN A 226 14.82 -9.04 -7.96
C ASN A 226 14.80 -9.91 -9.22
N GLY A 227 15.05 -9.29 -10.37
CA GLY A 227 15.03 -9.95 -11.67
C GLY A 227 13.63 -10.32 -12.12
N THR A 228 13.22 -11.61 -11.89
CA THR A 228 11.89 -12.11 -12.26
C THR A 228 10.84 -11.52 -11.32
N PRO A 229 9.92 -10.68 -11.84
CA PRO A 229 8.91 -10.09 -10.96
C PRO A 229 7.80 -11.08 -10.60
N GLU A 230 7.23 -10.91 -9.42
CA GLU A 230 6.16 -11.78 -8.97
C GLU A 230 4.81 -11.22 -9.31
N LEU A 231 3.80 -12.12 -9.50
CA LEU A 231 2.43 -11.70 -9.72
C LEU A 231 1.88 -11.55 -8.34
N GLN A 232 0.92 -10.64 -8.15
CA GLN A 232 0.24 -10.47 -6.85
C GLN A 232 -0.63 -11.68 -6.54
N ASN A 233 -1.19 -12.31 -7.61
CA ASN A 233 -2.11 -13.47 -7.48
C ASN A 233 -1.87 -14.61 -8.52
N PRO A 234 -0.70 -15.31 -8.52
CA PRO A 234 -0.46 -16.38 -9.52
C PRO A 234 -1.47 -17.52 -9.53
N GLU A 235 -2.06 -17.87 -8.34
CA GLU A 235 -3.08 -18.90 -8.18
C GLU A 235 -4.23 -18.70 -9.17
N LYS A 236 -4.53 -17.41 -9.50
CA LYS A 236 -5.58 -17.00 -10.43
C LYS A 236 -5.30 -17.41 -11.88
N LEU A 237 -4.03 -17.68 -12.25
CA LEU A 237 -3.65 -18.06 -13.62
C LEU A 237 -3.55 -19.57 -13.85
N SER A 238 -3.65 -20.00 -15.12
CA SER A 238 -3.51 -21.40 -15.48
C SER A 238 -2.02 -21.75 -15.54
N ALA A 239 -1.71 -23.05 -15.49
CA ALA A 239 -0.35 -23.59 -15.54
C ALA A 239 0.39 -23.23 -16.84
N ILE A 240 -0.29 -23.26 -18.01
CA ILE A 240 0.29 -22.90 -19.32
C ILE A 240 0.61 -21.43 -19.36
N PHE A 241 -0.32 -20.56 -18.87
CA PHE A 241 -0.10 -19.11 -18.82
C PHE A 241 0.99 -18.76 -17.81
N ARG A 242 1.09 -19.54 -16.71
CA ARG A 242 2.15 -19.34 -15.73
C ARG A 242 3.49 -19.75 -16.35
N ASP A 243 3.48 -20.76 -17.26
CA ASP A 243 4.67 -21.25 -17.98
C ASP A 243 5.12 -20.24 -19.03
N PHE A 244 4.18 -19.72 -19.86
CA PHE A 244 4.46 -18.72 -20.91
C PHE A 244 5.11 -17.48 -20.28
N LEU A 245 4.60 -17.05 -19.11
CA LEU A 245 5.14 -15.94 -18.35
C LEU A 245 6.57 -16.16 -17.86
N ASN A 246 6.88 -17.35 -17.34
CA ASN A 246 8.20 -17.74 -16.83
C ASN A 246 9.23 -17.93 -17.95
N ARG A 247 8.77 -18.17 -19.20
CA ARG A 247 9.62 -18.32 -20.39
C ARG A 247 9.91 -16.97 -21.01
N CYS A 248 9.05 -15.96 -20.70
CA CYS A 248 9.21 -14.58 -21.13
C CYS A 248 10.11 -13.86 -20.14
N LEU A 249 10.00 -14.23 -18.85
CA LEU A 249 10.73 -13.58 -17.77
C LEU A 249 11.88 -14.41 -17.16
N ASP A 250 12.49 -15.32 -17.96
CA ASP A 250 13.62 -16.13 -17.52
C ASP A 250 14.88 -15.26 -17.46
N MET A 251 15.55 -15.24 -16.31
CA MET A 251 16.76 -14.48 -16.04
C MET A 251 17.94 -14.87 -16.96
N ASP A 252 18.03 -16.17 -17.30
CA ASP A 252 19.05 -16.74 -18.19
C ASP A 252 18.56 -16.49 -19.61
N VAL A 253 19.26 -15.56 -20.30
CA VAL A 253 19.01 -15.10 -21.68
C VAL A 253 18.88 -16.31 -22.65
N GLU A 254 19.83 -17.26 -22.57
CA GLU A 254 19.85 -18.47 -23.39
C GLU A 254 18.63 -19.34 -23.14
N LYS A 255 18.19 -19.43 -21.87
CA LYS A 255 17.02 -20.22 -21.45
C LYS A 255 15.68 -19.50 -21.68
N ARG A 256 15.71 -18.17 -21.92
CA ARG A 256 14.52 -17.37 -22.25
C ARG A 256 14.15 -17.66 -23.68
N GLY A 257 12.88 -17.60 -24.00
CA GLY A 257 12.41 -17.88 -25.35
C GLY A 257 12.73 -16.80 -26.36
N SER A 258 12.68 -17.18 -27.64
CA SER A 258 12.80 -16.28 -28.78
C SER A 258 11.35 -16.16 -29.36
N ALA A 259 11.10 -15.12 -30.19
CA ALA A 259 9.81 -14.86 -30.82
C ALA A 259 9.33 -16.05 -31.66
N LYS A 260 10.27 -16.77 -32.31
CA LYS A 260 9.98 -17.96 -33.10
C LYS A 260 9.53 -19.11 -32.17
N GLU A 261 10.30 -19.36 -31.09
CA GLU A 261 10.05 -20.40 -30.10
C GLU A 261 8.74 -20.23 -29.36
N LEU A 262 8.44 -18.98 -28.90
CA LEU A 262 7.24 -18.71 -28.13
C LEU A 262 5.93 -18.73 -28.95
N LEU A 263 6.00 -18.56 -30.29
CA LEU A 263 4.83 -18.62 -31.17
C LEU A 263 4.18 -20.02 -31.21
N GLN A 264 4.99 -21.07 -30.95
CA GLN A 264 4.58 -22.48 -30.93
C GLN A 264 4.21 -22.94 -29.51
N HIS A 265 4.15 -22.02 -28.53
CA HIS A 265 3.80 -22.32 -27.14
C HIS A 265 2.34 -22.77 -26.98
N GLN A 266 2.09 -23.67 -25.99
CA GLN A 266 0.78 -24.23 -25.64
C GLN A 266 -0.26 -23.15 -25.33
N PHE A 267 0.13 -22.12 -24.56
CA PHE A 267 -0.73 -20.98 -24.20
C PHE A 267 -1.26 -20.23 -25.44
N LEU A 268 -0.46 -20.12 -26.51
CA LEU A 268 -0.90 -19.43 -27.72
C LEU A 268 -1.99 -20.22 -28.51
N LYS A 269 -2.21 -21.51 -28.15
CA LYS A 269 -3.22 -22.37 -28.77
C LYS A 269 -4.61 -22.05 -28.23
N ILE A 270 -4.69 -21.50 -26.98
CA ILE A 270 -5.96 -21.14 -26.34
C ILE A 270 -6.43 -19.73 -26.76
N ALA A 271 -5.67 -19.06 -27.67
CA ALA A 271 -5.98 -17.75 -28.22
C ALA A 271 -7.37 -17.66 -28.82
N LYS A 272 -8.01 -16.50 -28.68
CA LYS A 272 -9.31 -16.28 -29.27
C LYS A 272 -9.22 -15.57 -30.66
N PRO A 273 -10.30 -15.52 -31.50
CA PRO A 273 -10.21 -14.73 -32.74
C PRO A 273 -9.96 -13.27 -32.36
N LEU A 274 -9.46 -12.42 -33.29
CA LEU A 274 -9.19 -11.02 -32.95
C LEU A 274 -10.45 -10.18 -32.73
N SER A 275 -11.63 -10.69 -33.11
CA SER A 275 -12.92 -10.03 -32.87
C SER A 275 -13.25 -10.04 -31.36
N SER A 276 -12.68 -11.00 -30.59
CA SER A 276 -12.89 -11.09 -29.15
C SER A 276 -12.30 -9.85 -28.42
N LEU A 277 -11.52 -9.00 -29.13
CA LEU A 277 -10.88 -7.81 -28.59
C LEU A 277 -11.69 -6.53 -28.81
N THR A 278 -12.61 -6.53 -29.80
CA THR A 278 -13.47 -5.38 -30.13
C THR A 278 -14.45 -5.04 -28.97
N PRO A 279 -15.00 -6.00 -28.14
CA PRO A 279 -15.78 -5.57 -26.95
C PRO A 279 -14.88 -4.90 -25.89
N LEU A 280 -13.58 -5.26 -25.84
CA LEU A 280 -12.57 -4.62 -24.94
C LEU A 280 -12.33 -3.18 -25.35
N ILE A 281 -12.21 -2.92 -26.68
CA ILE A 281 -12.06 -1.60 -27.30
C ILE A 281 -13.28 -0.72 -26.95
N ALA A 282 -14.51 -1.28 -27.12
CA ALA A 282 -15.78 -0.64 -26.77
C ALA A 282 -15.82 -0.24 -25.28
N ALA A 283 -15.32 -1.13 -24.38
CA ALA A 283 -15.28 -0.85 -22.96
C ALA A 283 -14.31 0.28 -22.60
N ALA A 284 -13.11 0.28 -23.23
CA ALA A 284 -12.10 1.32 -22.96
C ALA A 284 -12.54 2.71 -23.46
N LYS A 285 -13.16 2.81 -24.67
CA LYS A 285 -13.72 4.07 -25.18
C LYS A 285 -14.71 4.66 -24.16
N GLU A 286 -15.70 3.86 -23.70
CA GLU A 286 -16.73 4.26 -22.72
C GLU A 286 -16.14 4.74 -21.37
N ALA A 287 -15.12 4.03 -20.88
CA ALA A 287 -14.41 4.30 -19.63
C ALA A 287 -13.53 5.57 -19.71
N THR A 288 -12.95 5.85 -20.88
CA THR A 288 -12.04 7.00 -20.99
C THR A 288 -12.74 8.25 -21.54
N LYS A 289 -14.09 8.21 -21.72
CA LYS A 289 -14.87 9.34 -22.24
C LYS A 289 -14.97 10.50 -21.23
N GLU B 2 16.36 3.51 2.75
CA GLU B 2 17.42 3.31 3.73
C GLU B 2 17.32 1.91 4.35
N LYS B 3 17.16 1.83 5.69
CA LYS B 3 17.00 0.60 6.46
C LYS B 3 15.48 0.34 6.56
N LEU B 4 14.68 1.43 6.66
CA LEU B 4 13.22 1.35 6.74
C LEU B 4 12.63 0.70 5.49
N ARG B 5 13.32 0.84 4.32
CA ARG B 5 12.96 0.24 3.04
C ARG B 5 12.98 -1.31 3.14
N SER B 6 14.00 -1.84 3.86
CA SER B 6 14.23 -3.26 4.13
C SER B 6 13.33 -3.81 5.28
N ILE B 7 12.32 -3.02 5.73
CA ILE B 7 11.34 -3.33 6.79
C ILE B 7 9.88 -3.11 6.30
N VAL B 8 9.66 -2.04 5.52
CA VAL B 8 8.36 -1.72 4.90
C VAL B 8 8.08 -2.78 3.84
N SER B 9 6.78 -3.01 3.53
CA SER B 9 6.38 -3.94 2.47
C SER B 9 6.53 -3.30 1.08
N VAL B 10 6.49 -4.12 0.02
CA VAL B 10 6.69 -3.68 -1.35
C VAL B 10 5.35 -3.30 -2.07
N GLY B 11 4.22 -3.73 -1.51
CA GLY B 11 2.89 -3.48 -2.09
C GLY B 11 2.47 -2.04 -2.29
N ASP B 12 1.24 -1.86 -2.79
CA ASP B 12 0.67 -0.55 -2.96
C ASP B 12 -0.45 -0.48 -1.93
N PRO B 13 -0.28 0.22 -0.80
CA PRO B 13 -1.36 0.26 0.22
C PRO B 13 -2.63 0.95 -0.28
N LYS B 14 -2.48 1.82 -1.32
CA LYS B 14 -3.57 2.54 -2.00
C LYS B 14 -4.55 1.53 -2.64
N LYS B 15 -4.01 0.35 -3.06
CA LYS B 15 -4.68 -0.78 -3.72
C LYS B 15 -5.17 -1.85 -2.74
N LYS B 16 -4.47 -1.99 -1.58
CA LYS B 16 -4.73 -2.99 -0.55
C LYS B 16 -5.85 -2.59 0.40
N TYR B 17 -6.07 -1.26 0.47
CA TYR B 17 -7.06 -0.66 1.39
C TYR B 17 -7.95 0.30 0.66
N THR B 18 -9.15 0.52 1.21
CA THR B 18 -10.19 1.40 0.68
C THR B 18 -10.94 1.99 1.87
N ARG B 19 -11.86 2.94 1.59
CA ARG B 19 -12.76 3.64 2.52
C ARG B 19 -12.03 4.42 3.59
N PHE B 20 -10.97 5.15 3.20
CA PHE B 20 -10.12 5.97 4.08
C PHE B 20 -10.95 7.09 4.70
N GLU B 21 -10.95 7.16 6.05
CA GLU B 21 -11.74 8.13 6.80
C GLU B 21 -10.92 8.68 7.96
N LYS B 22 -10.51 9.96 7.86
CA LYS B 22 -9.71 10.71 8.83
C LYS B 22 -10.39 10.71 10.21
N ILE B 23 -9.66 10.27 11.26
CA ILE B 23 -10.19 10.17 12.62
C ILE B 23 -9.23 10.74 13.69
N GLY B 24 -7.98 11.00 13.31
CA GLY B 24 -6.96 11.55 14.19
C GLY B 24 -6.01 12.50 13.50
N THR B 30 -1.31 12.29 10.22
CA THR B 30 -2.76 12.09 10.08
C THR B 30 -3.11 10.60 10.25
N VAL B 31 -4.21 10.30 10.95
CA VAL B 31 -4.71 8.94 11.16
C VAL B 31 -6.07 8.75 10.43
N TYR B 32 -6.19 7.65 9.69
CA TYR B 32 -7.39 7.26 8.97
C TYR B 32 -7.78 5.86 9.36
N THR B 33 -9.06 5.56 9.22
CA THR B 33 -9.59 4.21 9.38
C THR B 33 -9.82 3.74 7.95
N ALA B 34 -9.27 2.57 7.59
CA ALA B 34 -9.42 2.01 6.25
C ALA B 34 -9.85 0.54 6.36
N MET B 35 -10.20 -0.11 5.22
CA MET B 35 -10.60 -1.52 5.21
C MET B 35 -9.70 -2.31 4.26
N ASP B 36 -9.37 -3.55 4.66
CA ASP B 36 -8.54 -4.44 3.85
C ASP B 36 -9.46 -4.92 2.77
N VAL B 37 -9.11 -4.55 1.52
CA VAL B 37 -9.83 -4.86 0.30
C VAL B 37 -10.07 -6.38 0.10
N ALA B 38 -9.14 -7.25 0.57
CA ALA B 38 -9.22 -8.69 0.34
C ALA B 38 -9.86 -9.52 1.43
N THR B 39 -9.90 -8.99 2.67
CA THR B 39 -10.35 -9.71 3.85
C THR B 39 -11.45 -8.98 4.63
N GLY B 40 -11.66 -7.70 4.37
CA GLY B 40 -12.67 -6.93 5.10
C GLY B 40 -12.22 -6.45 6.48
N GLN B 41 -10.95 -6.68 6.85
CA GLN B 41 -10.41 -6.23 8.13
C GLN B 41 -10.31 -4.70 8.16
N GLU B 42 -10.94 -4.07 9.18
CA GLU B 42 -10.86 -2.63 9.40
C GLU B 42 -9.55 -2.32 10.12
N VAL B 43 -8.77 -1.39 9.56
CA VAL B 43 -7.43 -1.01 10.03
C VAL B 43 -7.31 0.49 10.31
N ALA B 44 -6.29 0.88 11.07
CA ALA B 44 -6.00 2.30 11.33
C ALA B 44 -4.68 2.57 10.66
N ILE B 45 -4.61 3.59 9.80
CA ILE B 45 -3.38 3.92 9.06
C ILE B 45 -2.84 5.32 9.42
N LYS B 46 -1.57 5.39 9.90
CA LYS B 46 -0.88 6.64 10.23
C LYS B 46 0.08 7.09 9.10
N GLN B 47 -0.16 8.27 8.55
CA GLN B 47 0.66 8.82 7.46
C GLN B 47 1.61 9.91 7.95
N MET B 48 2.92 9.75 7.66
CA MET B 48 3.99 10.66 8.05
C MET B 48 4.87 10.98 6.86
N ASN B 61 13.41 2.49 14.70
CA ASN B 61 12.75 3.26 15.75
C ASN B 61 11.68 2.42 16.45
N GLU B 62 10.56 3.05 16.85
CA GLU B 62 9.40 2.41 17.48
C GLU B 62 8.84 1.34 16.53
N ILE B 63 8.85 1.60 15.20
CA ILE B 63 8.37 0.72 14.13
C ILE B 63 9.03 -0.67 14.21
N LEU B 64 10.35 -0.70 14.39
CA LEU B 64 11.16 -1.92 14.51
C LEU B 64 10.82 -2.67 15.80
N VAL B 65 10.56 -1.91 16.87
CA VAL B 65 10.21 -2.41 18.20
C VAL B 65 8.81 -3.05 18.17
N MET B 66 7.86 -2.36 17.51
CA MET B 66 6.45 -2.72 17.33
C MET B 66 6.23 -4.07 16.63
N ARG B 67 6.99 -4.35 15.52
CA ARG B 67 6.86 -5.58 14.72
C ARG B 67 7.20 -6.84 15.52
N GLU B 68 8.33 -6.82 16.23
CA GLU B 68 8.79 -7.94 17.04
C GLU B 68 7.96 -8.12 18.31
N ASN B 69 7.68 -7.01 19.02
CA ASN B 69 6.96 -7.03 20.29
C ASN B 69 5.44 -6.91 20.13
N LYS B 70 4.83 -8.05 19.77
CA LYS B 70 3.39 -8.23 19.60
C LYS B 70 2.81 -8.93 20.85
N ASN B 71 1.57 -8.55 21.23
CA ASN B 71 0.85 -9.06 22.39
C ASN B 71 -0.64 -8.94 22.11
N PRO B 72 -1.51 -9.88 22.57
CA PRO B 72 -2.94 -9.74 22.23
C PRO B 72 -3.65 -8.59 22.93
N ASN B 73 -3.04 -8.01 23.98
CA ASN B 73 -3.64 -6.89 24.73
C ASN B 73 -3.09 -5.53 24.36
N ILE B 74 -2.44 -5.45 23.19
CA ILE B 74 -1.86 -4.23 22.63
C ILE B 74 -2.39 -4.05 21.21
N VAL B 75 -2.68 -2.79 20.82
CA VAL B 75 -3.10 -2.44 19.45
C VAL B 75 -1.82 -2.72 18.63
N ASN B 76 -1.82 -3.84 17.90
CA ASN B 76 -0.62 -4.26 17.16
C ASN B 76 -0.48 -3.71 15.75
N TYR B 77 0.78 -3.49 15.40
CA TYR B 77 1.27 -3.08 14.10
C TYR B 77 1.04 -4.28 13.16
N LEU B 78 0.52 -4.00 11.95
CA LEU B 78 0.28 -5.03 10.95
C LEU B 78 1.33 -4.93 9.87
N ASP B 79 1.58 -3.70 9.39
CA ASP B 79 2.50 -3.44 8.31
C ASP B 79 2.82 -1.95 8.17
N SER B 80 3.88 -1.63 7.39
CA SER B 80 4.32 -0.29 7.05
C SER B 80 4.59 -0.21 5.56
N TYR B 81 4.42 1.00 4.98
CA TYR B 81 4.65 1.26 3.55
C TYR B 81 5.36 2.60 3.31
N LEU B 82 6.15 2.69 2.24
CA LEU B 82 6.81 3.94 1.84
C LEU B 82 6.00 4.51 0.67
N VAL B 83 5.05 5.42 0.98
CA VAL B 83 4.14 6.02 0.00
C VAL B 83 4.54 7.46 -0.38
N GLY B 84 5.27 7.58 -1.50
CA GLY B 84 5.79 8.86 -1.99
C GLY B 84 6.85 9.32 -1.03
N ASP B 85 6.56 10.39 -0.26
CA ASP B 85 7.49 10.88 0.76
C ASP B 85 7.05 10.45 2.14
N GLU B 86 5.74 10.17 2.28
CA GLU B 86 5.12 9.71 3.52
C GLU B 86 5.51 8.27 3.88
N LEU B 87 5.38 7.95 5.17
CA LEU B 87 5.55 6.62 5.72
C LEU B 87 4.19 6.24 6.26
N TRP B 88 3.70 5.05 5.90
CA TRP B 88 2.40 4.60 6.39
C TRP B 88 2.58 3.48 7.35
N VAL B 89 1.90 3.58 8.49
CA VAL B 89 1.91 2.55 9.53
C VAL B 89 0.48 2.08 9.76
N VAL B 90 0.27 0.81 9.43
CA VAL B 90 -1.04 0.13 9.50
C VAL B 90 -1.12 -0.68 10.80
N MET B 91 -2.12 -0.36 11.65
CA MET B 91 -2.37 -1.10 12.91
C MET B 91 -3.75 -1.72 12.83
N GLU B 92 -4.08 -2.59 13.78
CA GLU B 92 -5.42 -3.18 13.91
C GLU B 92 -6.33 -2.05 14.39
N TYR B 93 -7.57 -2.03 13.95
CA TYR B 93 -8.55 -1.05 14.40
C TYR B 93 -9.52 -1.78 15.32
N LEU B 94 -9.95 -1.11 16.40
CA LEU B 94 -10.93 -1.60 17.38
C LEU B 94 -12.15 -0.72 17.26
N ALA B 95 -13.24 -1.30 16.72
CA ALA B 95 -14.48 -0.61 16.46
C ALA B 95 -15.30 -0.22 17.71
N GLY B 96 -15.03 -0.86 18.85
CA GLY B 96 -15.73 -0.59 20.11
C GLY B 96 -15.47 0.74 20.78
N GLY B 97 -14.59 1.55 20.19
CA GLY B 97 -14.23 2.88 20.66
C GLY B 97 -13.31 2.87 21.87
N SER B 98 -13.17 4.05 22.52
CA SER B 98 -12.37 4.20 23.73
C SER B 98 -13.14 3.79 24.98
N LEU B 99 -12.40 3.56 26.06
CA LEU B 99 -12.95 3.28 27.36
C LEU B 99 -13.58 4.55 27.97
N THR B 100 -13.02 5.77 27.69
CA THR B 100 -13.57 7.07 28.16
C THR B 100 -15.07 7.17 27.87
N ASP B 101 -15.49 6.76 26.65
CA ASP B 101 -16.90 6.84 26.24
C ASP B 101 -17.77 5.84 26.99
N VAL B 102 -17.23 4.64 27.27
CA VAL B 102 -17.91 3.63 28.05
C VAL B 102 -18.06 4.17 29.50
N VAL B 103 -17.01 4.80 30.02
CA VAL B 103 -16.91 5.38 31.37
C VAL B 103 -17.90 6.54 31.55
N THR B 104 -17.91 7.53 30.66
CA THR B 104 -18.84 8.66 30.82
C THR B 104 -20.34 8.38 30.50
N GLU B 105 -20.63 7.39 29.63
CA GLU B 105 -21.96 7.11 29.12
C GLU B 105 -22.71 5.99 29.81
N THR B 106 -22.03 5.27 30.74
CA THR B 106 -22.58 4.14 31.50
C THR B 106 -21.99 4.08 32.89
N CYS B 107 -22.68 3.41 33.84
CA CYS B 107 -22.12 3.16 35.18
C CYS B 107 -21.70 1.69 35.27
N MET B 108 -20.38 1.44 35.10
CA MET B 108 -19.79 0.09 35.11
C MET B 108 -19.89 -0.55 36.49
N ASP B 109 -20.04 -1.90 36.53
CA ASP B 109 -19.97 -2.63 37.78
C ASP B 109 -18.54 -3.08 38.01
N GLU B 110 -18.25 -3.56 39.25
CA GLU B 110 -16.93 -4.00 39.67
C GLU B 110 -16.39 -5.21 38.92
N GLY B 111 -17.28 -6.04 38.41
CA GLY B 111 -16.93 -7.21 37.62
C GLY B 111 -16.45 -6.84 36.24
N GLN B 112 -16.97 -5.71 35.70
CA GLN B 112 -16.57 -5.16 34.38
C GLN B 112 -15.30 -4.37 34.53
N ILE B 113 -15.12 -3.71 35.69
CA ILE B 113 -13.93 -2.95 35.95
C ILE B 113 -12.77 -3.94 36.20
N ALA B 114 -13.03 -5.06 36.88
CA ALA B 114 -12.01 -6.08 37.18
C ALA B 114 -11.53 -6.77 35.92
N ALA B 115 -12.41 -6.96 34.95
CA ALA B 115 -12.12 -7.60 33.68
C ALA B 115 -11.21 -6.68 32.86
N VAL B 116 -11.48 -5.34 32.89
CA VAL B 116 -10.68 -4.35 32.17
C VAL B 116 -9.32 -4.26 32.82
N CYS B 117 -9.31 -4.17 34.15
CA CYS B 117 -8.10 -4.09 34.96
C CYS B 117 -7.15 -5.24 34.68
N ARG B 118 -7.71 -6.48 34.59
CA ARG B 118 -6.94 -7.68 34.25
C ARG B 118 -6.28 -7.56 32.87
N GLU B 119 -7.07 -7.28 31.84
CA GLU B 119 -6.61 -7.17 30.46
C GLU B 119 -5.46 -6.15 30.28
N CYS B 120 -5.54 -5.00 30.98
CA CYS B 120 -4.54 -3.92 31.02
C CYS B 120 -3.33 -4.37 31.79
N LEU B 121 -3.54 -5.19 32.86
CA LEU B 121 -2.39 -5.67 33.65
C LEU B 121 -1.58 -6.69 32.84
N GLN B 122 -2.29 -7.47 32.01
CA GLN B 122 -1.69 -8.44 31.11
C GLN B 122 -0.85 -7.78 30.03
N ALA B 123 -1.26 -6.56 29.58
CA ALA B 123 -0.57 -5.77 28.58
C ALA B 123 0.67 -5.18 29.18
N LEU B 124 0.56 -4.62 30.40
CA LEU B 124 1.66 -4.01 31.14
C LEU B 124 2.75 -5.02 31.43
N GLU B 125 2.36 -6.24 31.86
CA GLU B 125 3.24 -7.36 32.17
C GLU B 125 4.18 -7.64 31.00
N PHE B 126 3.63 -7.61 29.78
CA PHE B 126 4.39 -7.80 28.56
C PHE B 126 5.35 -6.61 28.31
N LEU B 127 4.83 -5.37 28.46
CA LEU B 127 5.59 -4.14 28.25
C LEU B 127 6.78 -4.03 29.17
N HIS B 128 6.60 -4.25 30.46
CA HIS B 128 7.61 -4.18 31.51
C HIS B 128 8.69 -5.28 31.39
N SER B 129 8.32 -6.45 30.82
CA SER B 129 9.26 -7.55 30.61
C SER B 129 10.16 -7.29 29.38
N ASN B 130 9.68 -6.41 28.49
CA ASN B 130 10.33 -5.99 27.26
C ASN B 130 10.96 -4.60 27.42
N GLN B 131 11.19 -4.18 28.69
CA GLN B 131 11.82 -2.91 29.05
C GLN B 131 11.09 -1.66 28.49
N VAL B 132 9.73 -1.69 28.51
CA VAL B 132 8.85 -0.62 28.01
C VAL B 132 8.08 -0.01 29.18
N ILE B 133 7.97 1.32 29.20
CA ILE B 133 7.16 2.07 30.15
C ILE B 133 6.17 2.83 29.28
N HIS B 134 4.85 2.53 29.42
CA HIS B 134 3.80 3.19 28.65
C HIS B 134 3.76 4.70 28.94
N ARG B 135 3.64 5.12 30.24
CA ARG B 135 3.59 6.51 30.73
C ARG B 135 2.19 7.20 30.55
N ASN B 136 1.34 6.63 29.68
CA ASN B 136 0.03 7.22 29.38
C ASN B 136 -1.16 6.25 29.51
N ILE B 137 -1.22 5.53 30.65
CA ILE B 137 -2.33 4.62 30.92
C ILE B 137 -3.51 5.44 31.39
N LYS B 138 -4.39 5.73 30.44
CA LYS B 138 -5.61 6.47 30.68
C LYS B 138 -6.71 5.91 29.78
N SER B 139 -7.98 6.05 30.15
CA SER B 139 -9.14 5.49 29.43
C SER B 139 -9.12 5.71 27.90
N ASP B 140 -8.66 6.90 27.48
CA ASP B 140 -8.51 7.35 26.08
C ASP B 140 -7.58 6.42 25.31
N ASN B 141 -6.58 5.86 26.02
CA ASN B 141 -5.61 4.94 25.46
C ASN B 141 -6.02 3.48 25.51
N ILE B 142 -7.25 3.21 25.92
CA ILE B 142 -7.76 1.86 25.99
C ILE B 142 -8.79 1.72 24.92
N LEU B 143 -8.56 0.79 24.01
CA LEU B 143 -9.41 0.55 22.86
C LEU B 143 -10.13 -0.78 22.98
N LEU B 144 -11.43 -0.77 22.64
CA LEU B 144 -12.28 -1.93 22.78
C LEU B 144 -12.73 -2.54 21.47
N GLY B 145 -12.79 -3.86 21.45
CA GLY B 145 -13.28 -4.65 20.32
C GLY B 145 -14.75 -5.00 20.52
N MET B 146 -15.47 -5.20 19.42
CA MET B 146 -16.90 -5.51 19.41
C MET B 146 -17.24 -6.81 20.13
N ASP B 147 -16.22 -7.66 20.39
CA ASP B 147 -16.33 -8.94 21.12
C ASP B 147 -15.98 -8.79 22.64
N GLY B 148 -15.66 -7.58 23.07
CA GLY B 148 -15.30 -7.30 24.45
C GLY B 148 -13.81 -7.15 24.67
N SER B 149 -12.99 -7.39 23.63
CA SER B 149 -11.52 -7.30 23.68
C SER B 149 -11.03 -5.97 24.20
N VAL B 150 -9.93 -6.03 24.99
CA VAL B 150 -9.34 -4.84 25.57
C VAL B 150 -7.87 -4.72 25.09
N LYS B 151 -7.48 -3.56 24.52
CA LYS B 151 -6.09 -3.34 24.00
C LYS B 151 -5.55 -1.92 24.27
N LEU B 152 -4.33 -1.81 24.83
CA LEU B 152 -3.77 -0.46 25.05
C LEU B 152 -3.17 0.08 23.75
N THR B 153 -3.10 1.42 23.67
CA THR B 153 -2.57 2.17 22.55
C THR B 153 -1.71 3.35 23.02
N ASP B 154 -0.86 3.90 22.10
CA ASP B 154 0.07 5.04 22.24
C ASP B 154 0.99 4.93 23.44
N SER B 166 9.16 21.02 29.23
CA SER B 166 9.93 22.15 29.78
C SER B 166 9.42 22.61 31.18
N LYS B 167 10.29 23.34 31.89
CA LYS B 167 10.03 23.94 33.21
C LYS B 167 9.67 25.43 33.03
N ARG B 168 9.96 25.96 31.83
CA ARG B 168 9.60 27.31 31.40
C ARG B 168 8.18 27.31 30.80
N SER B 169 7.66 26.09 30.45
CA SER B 169 6.33 25.87 29.88
C SER B 169 5.28 25.73 30.95
N GLU B 170 4.15 26.39 30.73
CA GLU B 170 2.97 26.40 31.59
C GLU B 170 2.13 25.16 31.33
N MET B 171 1.39 24.72 32.36
CA MET B 171 0.50 23.56 32.26
C MET B 171 -0.89 23.93 31.75
N VAL B 172 -1.31 23.27 30.66
CA VAL B 172 -2.64 23.39 30.06
C VAL B 172 -3.17 21.97 30.02
N GLY B 173 -3.99 21.65 31.01
CA GLY B 173 -4.47 20.30 31.19
C GLY B 173 -3.77 19.72 32.40
N THR B 174 -4.51 18.89 33.12
CA THR B 174 -4.03 18.28 34.33
C THR B 174 -3.59 16.83 34.08
N PRO B 175 -2.33 16.49 34.44
CA PRO B 175 -1.85 15.10 34.25
C PRO B 175 -2.24 14.22 35.46
N TYR B 176 -3.54 13.95 35.59
CA TYR B 176 -4.17 13.21 36.69
C TYR B 176 -3.71 11.75 36.79
N TRP B 177 -3.26 11.14 35.69
CA TRP B 177 -2.82 9.74 35.66
C TRP B 177 -1.39 9.52 36.17
N MET B 178 -0.59 10.59 36.30
CA MET B 178 0.82 10.49 36.68
C MET B 178 1.09 10.24 38.16
N ALA B 179 2.06 9.37 38.43
CA ALA B 179 2.50 8.95 39.76
C ALA B 179 3.18 10.11 40.54
N PRO B 180 3.20 10.11 41.90
CA PRO B 180 3.87 11.22 42.62
C PRO B 180 5.33 11.36 42.22
N GLU B 181 6.07 10.24 42.03
CA GLU B 181 7.49 10.27 41.61
C GLU B 181 7.70 10.78 40.16
N VAL B 182 6.63 10.90 39.35
CA VAL B 182 6.71 11.43 37.98
C VAL B 182 6.56 12.96 38.07
N VAL B 183 5.55 13.40 38.84
CA VAL B 183 5.16 14.78 39.08
C VAL B 183 6.32 15.56 39.77
N THR B 184 6.92 14.93 40.80
CA THR B 184 8.07 15.45 41.55
C THR B 184 9.36 15.38 40.72
N ARG B 185 9.24 14.93 39.44
CA ARG B 185 10.30 14.80 38.42
C ARG B 185 11.50 13.98 38.89
N LYS B 186 11.24 12.87 39.60
CA LYS B 186 12.29 11.97 40.03
C LYS B 186 12.61 11.03 38.85
N ALA B 187 13.59 10.13 39.03
CA ALA B 187 13.88 9.09 38.04
C ALA B 187 12.78 8.08 38.37
N TYR B 188 12.15 7.51 37.34
CA TYR B 188 11.00 6.63 37.60
C TYR B 188 11.06 5.31 36.80
N GLY B 189 10.25 4.33 37.23
CA GLY B 189 10.24 3.01 36.64
C GLY B 189 8.90 2.52 36.12
N PRO B 190 8.79 1.22 35.77
CA PRO B 190 7.53 0.68 35.24
C PRO B 190 6.30 0.76 36.15
N LYS B 191 6.48 0.84 37.47
CA LYS B 191 5.37 0.89 38.45
C LYS B 191 4.54 2.18 38.36
N VAL B 192 5.01 3.15 37.54
CA VAL B 192 4.27 4.40 37.31
C VAL B 192 2.96 4.10 36.56
N ASP B 193 2.99 3.07 35.68
CA ASP B 193 1.87 2.57 34.88
C ASP B 193 0.81 1.94 35.77
N ILE B 194 1.26 1.29 36.87
CA ILE B 194 0.39 0.64 37.86
C ILE B 194 -0.36 1.74 38.60
N TRP B 195 0.34 2.86 38.94
CA TRP B 195 -0.30 4.02 39.58
C TRP B 195 -1.46 4.50 38.67
N SER B 196 -1.14 4.74 37.38
CA SER B 196 -2.05 5.23 36.33
C SER B 196 -3.29 4.35 36.23
N LEU B 197 -3.09 3.04 36.40
CA LEU B 197 -4.14 2.02 36.39
C LEU B 197 -5.05 2.19 37.60
N GLY B 198 -4.48 2.60 38.73
CA GLY B 198 -5.28 2.85 39.92
C GLY B 198 -6.20 4.03 39.67
N ILE B 199 -5.69 5.08 38.98
CA ILE B 199 -6.42 6.30 38.62
C ILE B 199 -7.52 5.96 37.59
N MET B 200 -7.19 5.12 36.59
CA MET B 200 -8.13 4.63 35.60
C MET B 200 -9.23 3.80 36.26
N ALA B 201 -8.90 2.94 37.28
CA ALA B 201 -9.92 2.17 38.01
C ALA B 201 -10.87 3.10 38.78
N ILE B 202 -10.35 4.18 39.41
CA ILE B 202 -11.16 5.20 40.11
C ILE B 202 -12.06 5.89 39.08
N GLU B 203 -11.45 6.33 37.96
CA GLU B 203 -12.17 6.98 36.85
C GLU B 203 -13.35 6.13 36.41
N MET B 204 -13.09 4.86 36.08
CA MET B 204 -14.07 3.86 35.66
C MET B 204 -15.19 3.76 36.69
N ILE B 205 -14.90 3.81 38.01
CA ILE B 205 -15.98 3.66 39.00
C ILE B 205 -16.71 5.01 39.29
N GLU B 206 -16.08 6.13 39.09
CA GLU B 206 -16.63 7.46 39.39
C GLU B 206 -17.34 8.14 38.20
N GLY B 207 -17.09 7.63 36.98
CA GLY B 207 -17.67 8.11 35.74
C GLY B 207 -16.95 9.27 35.09
N GLU B 208 -15.77 9.64 35.63
CA GLU B 208 -14.96 10.76 35.18
C GLU B 208 -13.56 10.71 35.79
N PRO B 209 -12.55 11.33 35.10
CA PRO B 209 -11.18 11.35 35.68
C PRO B 209 -11.12 12.25 36.93
N PRO B 210 -10.19 12.01 37.91
CA PRO B 210 -10.15 12.88 39.10
C PRO B 210 -9.54 14.26 38.86
N TYR B 211 -9.54 15.11 39.90
CA TYR B 211 -8.98 16.47 39.92
C TYR B 211 -9.63 17.44 38.87
N LEU B 212 -10.82 17.08 38.35
CA LEU B 212 -11.60 17.83 37.34
C LEU B 212 -12.04 19.25 37.81
N ASN B 213 -12.27 19.41 39.12
CA ASN B 213 -12.69 20.65 39.79
C ASN B 213 -11.50 21.52 40.32
N GLU B 214 -10.22 21.11 40.04
CA GLU B 214 -8.99 21.81 40.45
C GLU B 214 -8.09 22.14 39.26
N ASN B 215 -7.31 23.23 39.39
CA ASN B 215 -6.35 23.70 38.38
C ASN B 215 -5.13 22.76 38.31
N PRO B 216 -4.49 22.56 37.12
CA PRO B 216 -3.35 21.62 37.03
C PRO B 216 -2.31 21.70 38.16
N LEU B 217 -1.84 22.91 38.54
CA LEU B 217 -0.85 23.14 39.61
C LEU B 217 -1.31 22.67 40.97
N ARG B 218 -2.62 22.88 41.28
CA ARG B 218 -3.27 22.44 42.53
C ARG B 218 -3.32 20.91 42.54
N ALA B 219 -3.69 20.28 41.40
CA ALA B 219 -3.73 18.82 41.25
C ALA B 219 -2.33 18.23 41.48
N LEU B 220 -1.29 18.82 40.87
CA LEU B 220 0.14 18.43 41.02
C LEU B 220 0.58 18.33 42.48
N TYR B 221 0.22 19.34 43.28
CA TYR B 221 0.51 19.39 44.70
C TYR B 221 -0.24 18.27 45.45
N LEU B 222 -1.53 18.04 45.09
CA LEU B 222 -2.35 17.00 45.71
C LEU B 222 -1.82 15.61 45.37
N ILE B 223 -1.39 15.39 44.11
CA ILE B 223 -0.76 14.15 43.65
C ILE B 223 0.56 13.91 44.42
N ALA B 224 1.40 14.95 44.55
CA ALA B 224 2.69 14.86 45.24
C ALA B 224 2.59 14.67 46.77
N THR B 225 1.68 15.43 47.42
CA THR B 225 1.53 15.40 48.86
C THR B 225 0.71 14.21 49.31
N ASN B 226 -0.59 14.18 48.93
CA ASN B 226 -1.56 13.15 49.33
C ASN B 226 -1.54 11.89 48.45
N GLY B 227 -1.02 12.02 47.21
CA GLY B 227 -0.95 10.92 46.27
C GLY B 227 -2.28 10.65 45.59
N THR B 228 -2.97 9.57 46.05
CA THR B 228 -4.28 9.17 45.54
C THR B 228 -5.30 10.29 45.77
N PRO B 229 -6.19 10.56 44.78
CA PRO B 229 -7.20 11.63 44.98
C PRO B 229 -8.23 11.23 46.04
N GLU B 230 -9.00 12.21 46.53
CA GLU B 230 -10.04 11.91 47.50
C GLU B 230 -11.16 11.17 46.75
N LEU B 231 -11.37 9.90 47.14
CA LEU B 231 -12.43 9.05 46.59
C LEU B 231 -13.73 9.81 46.78
N GLN B 232 -14.37 10.22 45.67
CA GLN B 232 -15.61 10.98 45.74
C GLN B 232 -16.62 10.26 46.63
N ASN B 233 -16.92 8.98 46.31
CA ASN B 233 -17.89 8.21 47.08
C ASN B 233 -17.32 6.85 47.51
N PRO B 234 -16.46 6.81 48.58
CA PRO B 234 -15.84 5.53 49.00
C PRO B 234 -16.78 4.44 49.52
N GLU B 235 -18.06 4.79 49.81
CA GLU B 235 -19.09 3.85 50.30
C GLU B 235 -19.53 2.90 49.19
N LYS B 236 -19.41 3.36 47.94
CA LYS B 236 -19.83 2.68 46.72
C LYS B 236 -18.83 1.63 46.18
N LEU B 237 -17.67 1.46 46.84
CA LEU B 237 -16.67 0.45 46.45
C LEU B 237 -16.63 -0.62 47.53
N SER B 238 -16.48 -1.89 47.10
CA SER B 238 -16.38 -3.03 48.00
C SER B 238 -15.02 -2.96 48.71
N ALA B 239 -14.78 -3.90 49.62
CA ALA B 239 -13.52 -3.96 50.36
C ALA B 239 -12.41 -4.43 49.44
N ILE B 240 -12.64 -5.52 48.69
CA ILE B 240 -11.73 -6.13 47.72
C ILE B 240 -11.21 -5.11 46.64
N PHE B 241 -12.10 -4.22 46.15
CA PHE B 241 -11.80 -3.16 45.18
C PHE B 241 -10.91 -2.10 45.81
N ARG B 242 -11.25 -1.62 47.03
CA ARG B 242 -10.44 -0.62 47.73
C ARG B 242 -9.02 -1.15 47.99
N ASP B 243 -8.89 -2.45 48.41
CA ASP B 243 -7.55 -3.04 48.56
C ASP B 243 -6.77 -3.02 47.26
N PHE B 244 -7.39 -3.44 46.12
CA PHE B 244 -6.75 -3.41 44.80
C PHE B 244 -6.16 -2.01 44.51
N LEU B 245 -6.98 -0.95 44.77
CA LEU B 245 -6.65 0.47 44.60
C LEU B 245 -5.43 0.88 45.45
N ASN B 246 -5.45 0.55 46.75
CA ASN B 246 -4.37 0.85 47.71
C ASN B 246 -3.03 0.18 47.34
N ARG B 247 -3.08 -0.95 46.59
CA ARG B 247 -1.92 -1.71 46.10
C ARG B 247 -1.31 -1.00 44.89
N CYS B 248 -2.17 -0.42 44.03
CA CYS B 248 -1.80 0.35 42.84
C CYS B 248 -1.31 1.72 43.26
N LEU B 249 -1.90 2.30 44.32
CA LEU B 249 -1.72 3.70 44.70
C LEU B 249 -0.92 3.96 45.99
N ASP B 250 0.06 3.06 46.24
CA ASP B 250 1.01 3.17 47.34
C ASP B 250 2.05 4.15 46.85
N MET B 251 2.28 5.22 47.61
CA MET B 251 3.24 6.25 47.22
C MET B 251 4.68 5.72 47.23
N ASP B 252 4.93 4.71 48.10
CA ASP B 252 6.21 4.01 48.18
C ASP B 252 6.26 3.03 46.97
N VAL B 253 7.08 3.36 45.95
CA VAL B 253 7.33 2.58 44.72
C VAL B 253 7.63 1.08 45.05
N GLU B 254 8.37 0.80 46.16
CA GLU B 254 8.73 -0.54 46.65
C GLU B 254 7.48 -1.26 47.20
N LYS B 255 6.63 -0.54 47.96
CA LYS B 255 5.40 -1.06 48.53
C LYS B 255 4.29 -1.18 47.47
N ARG B 256 4.36 -0.40 46.38
CA ARG B 256 3.40 -0.47 45.26
C ARG B 256 3.61 -1.78 44.50
N GLY B 257 2.50 -2.43 44.16
CA GLY B 257 2.54 -3.69 43.43
C GLY B 257 3.05 -3.56 42.02
N SER B 258 3.62 -4.65 41.50
CA SER B 258 4.07 -4.76 40.11
C SER B 258 2.91 -5.40 39.33
N ALA B 259 2.99 -5.35 37.98
CA ALA B 259 2.00 -5.91 37.06
C ALA B 259 1.86 -7.42 37.25
N LYS B 260 2.99 -8.11 37.48
CA LYS B 260 3.08 -9.55 37.75
C LYS B 260 2.33 -9.87 39.05
N GLU B 261 2.60 -9.10 40.12
CA GLU B 261 1.97 -9.29 41.45
C GLU B 261 0.50 -9.04 41.45
N LEU B 262 0.07 -7.91 40.81
CA LEU B 262 -1.32 -7.47 40.73
C LEU B 262 -2.18 -8.35 39.85
N LEU B 263 -1.58 -9.15 38.93
CA LEU B 263 -2.38 -10.11 38.14
C LEU B 263 -2.87 -11.29 38.99
N GLN B 264 -2.41 -11.34 40.23
CA GLN B 264 -2.71 -12.36 41.25
C GLN B 264 -3.60 -11.79 42.35
N HIS B 265 -3.94 -10.49 42.27
CA HIS B 265 -4.81 -9.88 43.26
C HIS B 265 -6.24 -10.50 43.19
N GLN B 266 -6.90 -10.62 44.38
CA GLN B 266 -8.25 -11.21 44.55
C GLN B 266 -9.34 -10.44 43.79
N PHE B 267 -9.16 -9.08 43.62
CA PHE B 267 -10.13 -8.24 42.92
C PHE B 267 -10.41 -8.69 41.48
N LEU B 268 -9.39 -9.19 40.79
CA LEU B 268 -9.58 -9.65 39.41
C LEU B 268 -10.30 -10.99 39.32
N LYS B 269 -10.52 -11.67 40.47
CA LYS B 269 -11.23 -12.95 40.52
C LYS B 269 -12.75 -12.75 40.49
N ILE B 270 -13.21 -11.50 40.58
CA ILE B 270 -14.64 -11.19 40.46
C ILE B 270 -14.94 -10.81 39.00
N ALA B 271 -13.89 -10.69 38.15
CA ALA B 271 -13.98 -10.32 36.75
C ALA B 271 -15.00 -11.12 35.97
N LYS B 272 -15.86 -10.43 35.21
CA LYS B 272 -16.88 -11.06 34.38
C LYS B 272 -16.27 -11.42 33.04
N PRO B 273 -16.86 -12.34 32.23
CA PRO B 273 -16.29 -12.59 30.89
C PRO B 273 -16.21 -11.29 30.08
N LEU B 274 -15.37 -11.23 29.05
CA LEU B 274 -15.27 -9.98 28.30
C LEU B 274 -16.53 -9.68 27.50
N SER B 275 -17.41 -10.67 27.33
CA SER B 275 -18.72 -10.49 26.68
C SER B 275 -19.61 -9.49 27.45
N SER B 276 -19.40 -9.35 28.78
CA SER B 276 -20.10 -8.40 29.65
C SER B 276 -19.78 -6.93 29.27
N LEU B 277 -18.74 -6.70 28.44
CA LEU B 277 -18.36 -5.35 28.01
C LEU B 277 -19.08 -4.89 26.72
N THR B 278 -19.57 -5.83 25.89
CA THR B 278 -20.28 -5.53 24.61
C THR B 278 -21.60 -4.73 24.84
N PRO B 279 -22.45 -4.97 25.90
CA PRO B 279 -23.63 -4.10 26.12
C PRO B 279 -23.21 -2.63 26.40
N LEU B 280 -22.05 -2.44 27.12
CA LEU B 280 -21.44 -1.13 27.46
C LEU B 280 -21.04 -0.37 26.23
N ILE B 281 -20.51 -1.10 25.21
CA ILE B 281 -20.09 -0.52 23.92
C ILE B 281 -21.34 0.01 23.16
N ALA B 282 -22.41 -0.83 23.08
CA ALA B 282 -23.72 -0.52 22.48
C ALA B 282 -24.34 0.73 23.10
N ALA B 283 -24.24 0.83 24.43
CA ALA B 283 -24.71 1.97 25.20
C ALA B 283 -23.88 3.23 24.93
N ALA B 284 -22.54 3.09 24.80
CA ALA B 284 -21.63 4.22 24.52
C ALA B 284 -21.90 4.75 23.14
N LYS B 285 -22.05 3.82 22.16
CA LYS B 285 -22.40 4.09 20.76
C LYS B 285 -23.73 4.82 20.61
N GLU B 286 -24.78 4.33 21.31
CA GLU B 286 -26.12 4.89 21.26
C GLU B 286 -26.18 6.31 21.79
N ALA B 287 -25.46 6.55 22.90
CA ALA B 287 -25.40 7.84 23.54
C ALA B 287 -24.56 8.86 22.76
N THR B 288 -23.40 8.43 22.20
CA THR B 288 -22.47 9.29 21.45
C THR B 288 -22.91 9.56 19.99
N LYS B 289 -23.96 8.86 19.48
CA LYS B 289 -24.46 9.01 18.11
C LYS B 289 -24.94 10.44 17.81
#